data_2I21
#
_entry.id   2I21
#
_cell.length_a   61.069
_cell.length_b   61.069
_cell.length_c   110.534
_cell.angle_alpha   90.00
_cell.angle_beta   90.00
_cell.angle_gamma   120.00
#
_symmetry.space_group_name_H-M   'P 63'
#
loop_
_entity.id
_entity.type
_entity.pdbx_description
1 polymer Bacteriorhodopsin
2 non-polymer RETINAL
3 non-polymer 1-[2,6,10.14-TETRAMETHYL-HEXADECAN-16-YL]-2-[2,10,14-TRIMETHYLHEXADECAN-16-YL]GLYCEROL
4 non-polymer 2,10,23-TRIMETHYL-TETRACOSANE
5 water water
#
_entity_poly.entity_id   1
_entity_poly.type   'polypeptide(L)'
_entity_poly.pdbx_seq_one_letter_code
;QAQITGRPEWIWLALGTALMGLGTLYFLVKGMGVSDPDAKKFYAIVTLVPAIAFTMYLSMLLGYGLTMVPFGGEQNPIYW
ARYADWLFTTPLLLLDLALLVDADQGTILALVGADGIMIGTGLVGALTKVYSYRFVWWAISTAAMLYILYVLFFGFTSKA
ESMRPEVASTFKVLRNVTVVLWSAYPVVWLIGSEGAGIVPLNIETLLFMVLDVSAKVGFGLILLRSRAIFGEAEAPEPSA
GDGAAATSD
;
_entity_poly.pdbx_strand_id   A
#
loop_
_chem_comp.id
_chem_comp.type
_chem_comp.name
_chem_comp.formula
LI1 non-polymer 1-[2,6,10.14-TETRAMETHYL-HEXADECAN-16-YL]-2-[2,10,14-TRIMETHYLHEXADECAN-16-YL]GLYCEROL 'C42 H86 O3'
RET non-polymer RETINAL 'C20 H28 O'
SQU non-polymer 2,10,23-TRIMETHYL-TETRACOSANE 'C27 H56'
#
# COMPACT_ATOMS: atom_id res chain seq x y z
N THR A 5 -8.29 1.87 23.88
CA THR A 5 -9.35 2.85 23.77
C THR A 5 -10.71 2.19 23.54
N GLY A 6 -11.76 3.01 23.47
CA GLY A 6 -13.08 2.44 23.24
C GLY A 6 -13.15 1.79 21.87
N ARG A 7 -12.49 2.40 20.90
CA ARG A 7 -12.58 1.93 19.51
C ARG A 7 -12.25 0.44 19.41
N PRO A 8 -13.26 -0.33 19.03
CA PRO A 8 -13.09 -1.78 18.93
C PRO A 8 -11.96 -2.13 17.95
N GLU A 9 -11.76 -1.25 16.97
CA GLU A 9 -10.72 -1.54 15.99
C GLU A 9 -9.34 -1.28 16.58
N TRP A 10 -9.23 -0.84 17.82
CA TRP A 10 -7.90 -0.47 18.34
C TRP A 10 -6.91 -1.63 18.26
N ILE A 11 -7.37 -2.86 18.50
CA ILE A 11 -6.49 -4.02 18.57
C ILE A 11 -5.74 -4.27 17.27
N TRP A 12 -6.43 -4.11 16.14
CA TRP A 12 -5.83 -4.30 14.83
C TRP A 12 -4.89 -3.16 14.50
N LEU A 13 -5.22 -1.94 14.95
CA LEU A 13 -4.29 -0.84 14.80
C LEU A 13 -3.03 -1.08 15.64
N ALA A 14 -3.20 -1.59 16.86
CA ALA A 14 -2.06 -1.89 17.71
C ALA A 14 -1.22 -3.00 17.09
N LEU A 15 -1.88 -4.07 16.69
CA LEU A 15 -1.21 -5.20 16.01
C LEU A 15 -0.48 -4.73 14.76
N GLY A 16 -1.16 -3.92 13.95
CA GLY A 16 -0.53 -3.34 12.75
C GLY A 16 0.69 -2.51 13.09
N THR A 17 0.59 -1.69 14.13
CA THR A 17 1.73 -0.85 14.51
C THR A 17 2.91 -1.74 14.84
N ALA A 18 2.60 -2.80 15.61
CA ALA A 18 3.64 -3.70 16.09
C ALA A 18 4.28 -4.46 14.95
N LEU A 19 3.44 -4.96 14.03
CA LEU A 19 4.05 -5.72 12.94
C LEU A 19 4.86 -4.83 12.01
N MET A 20 4.43 -3.60 11.74
CA MET A 20 5.20 -2.76 10.82
C MET A 20 6.52 -2.34 11.44
N GLY A 21 6.46 -2.10 12.75
CA GLY A 21 7.66 -1.71 13.51
C GLY A 21 8.66 -2.85 13.58
N LEU A 22 8.19 -4.06 13.89
CA LEU A 22 9.09 -5.21 13.94
C LEU A 22 9.68 -5.50 12.57
N GLY A 23 8.85 -5.36 11.53
CA GLY A 23 9.35 -5.60 10.18
C GLY A 23 10.40 -4.57 9.82
N THR A 24 10.16 -3.31 10.20
CA THR A 24 11.16 -2.28 9.91
C THR A 24 12.51 -2.59 10.56
N LEU A 25 12.49 -2.97 11.83
CA LEU A 25 13.75 -3.30 12.50
C LEU A 25 14.40 -4.53 11.89
N TYR A 26 13.58 -5.52 11.54
CA TYR A 26 14.14 -6.71 10.91
C TYR A 26 14.85 -6.29 9.62
N PHE A 27 14.19 -5.51 8.75
CA PHE A 27 14.83 -5.17 7.49
C PHE A 27 16.05 -4.26 7.68
N LEU A 28 15.97 -3.41 8.70
CA LEU A 28 17.05 -2.54 9.09
C LEU A 28 18.30 -3.34 9.43
N VAL A 29 18.10 -4.33 10.31
CA VAL A 29 19.23 -5.17 10.72
C VAL A 29 19.74 -5.99 9.54
N LYS A 30 18.82 -6.59 8.80
CA LYS A 30 19.18 -7.37 7.63
C LYS A 30 20.01 -6.58 6.64
N GLY A 31 19.69 -5.32 6.35
CA GLY A 31 20.48 -4.65 5.32
C GLY A 31 21.82 -4.15 5.83
N MET A 32 22.18 -4.45 7.08
CA MET A 32 23.48 -4.00 7.57
C MET A 32 24.60 -4.71 6.81
N GLY A 33 25.57 -3.92 6.38
CA GLY A 33 26.70 -4.36 5.61
C GLY A 33 26.51 -4.48 4.12
N VAL A 34 25.28 -4.39 3.61
CA VAL A 34 25.09 -4.48 2.15
C VAL A 34 25.94 -3.43 1.47
N SER A 35 26.71 -3.83 0.45
CA SER A 35 27.54 -2.85 -0.24
C SER A 35 27.23 -2.76 -1.73
N ASP A 36 26.68 -3.80 -2.34
CA ASP A 36 26.27 -3.70 -3.75
C ASP A 36 25.30 -2.54 -3.94
N PRO A 37 25.65 -1.56 -4.75
CA PRO A 37 24.75 -0.43 -5.07
C PRO A 37 23.31 -0.84 -5.36
N ASP A 38 23.08 -1.82 -6.22
CA ASP A 38 21.74 -2.25 -6.57
C ASP A 38 20.94 -2.82 -5.39
N ALA A 39 21.58 -3.73 -4.65
CA ALA A 39 20.90 -4.31 -3.48
C ALA A 39 20.63 -3.22 -2.45
N LYS A 40 21.55 -2.28 -2.29
CA LYS A 40 21.35 -1.09 -1.47
C LYS A 40 20.05 -0.35 -1.78
N LYS A 41 19.69 -0.22 -3.05
CA LYS A 41 18.44 0.39 -3.47
C LYS A 41 17.24 -0.37 -2.94
N PHE A 42 17.27 -1.69 -3.13
CA PHE A 42 16.14 -2.51 -2.69
C PHE A 42 16.01 -2.54 -1.17
N TYR A 43 17.15 -2.66 -0.47
CA TYR A 43 17.04 -2.66 0.98
C TYR A 43 16.42 -1.35 1.46
N ALA A 44 16.87 -0.23 0.92
CA ALA A 44 16.36 1.07 1.35
C ALA A 44 14.85 1.08 1.17
N ILE A 45 14.44 0.65 -0.03
CA ILE A 45 13.01 0.79 -0.30
C ILE A 45 12.24 -0.22 0.50
N VAL A 46 12.78 -1.44 0.70
CA VAL A 46 11.84 -2.33 1.41
C VAL A 46 11.87 -2.01 2.91
N THR A 47 12.86 -1.26 3.40
CA THR A 47 12.90 -0.89 4.83
C THR A 47 12.02 0.35 5.05
N LEU A 48 12.17 1.33 4.18
CA LEU A 48 11.44 2.59 4.24
C LEU A 48 9.93 2.35 4.25
N VAL A 49 9.43 1.45 3.40
CA VAL A 49 7.98 1.32 3.28
C VAL A 49 7.32 0.94 4.60
N PRO A 50 7.73 -0.10 5.29
CA PRO A 50 7.12 -0.40 6.59
C PRO A 50 7.46 0.64 7.65
N ALA A 51 8.56 1.36 7.52
CA ALA A 51 8.82 2.41 8.53
C ALA A 51 7.74 3.49 8.45
N ILE A 52 7.35 3.83 7.22
CA ILE A 52 6.30 4.84 6.98
C ILE A 52 4.98 4.33 7.51
N ALA A 53 4.71 3.07 7.16
CA ALA A 53 3.45 2.46 7.60
C ALA A 53 3.36 2.44 9.11
N PHE A 54 4.48 2.11 9.75
CA PHE A 54 4.56 2.10 11.21
C PHE A 54 4.07 3.44 11.76
N THR A 55 4.58 4.54 11.17
CA THR A 55 4.22 5.84 11.76
C THR A 55 2.75 6.15 11.53
N MET A 56 2.20 5.71 10.41
CA MET A 56 0.80 6.02 10.12
C MET A 56 -0.09 5.08 10.91
N TYR A 57 0.32 3.83 11.10
CA TYR A 57 -0.46 2.98 12.00
C TYR A 57 -0.46 3.55 13.41
N LEU A 58 0.72 4.00 13.87
CA LEU A 58 0.73 4.57 15.23
C LEU A 58 -0.18 5.79 15.32
N SER A 59 -0.21 6.62 14.27
CA SER A 59 -1.08 7.81 14.36
C SER A 59 -2.54 7.42 14.38
N MET A 60 -2.89 6.29 13.75
CA MET A 60 -4.29 5.86 13.80
C MET A 60 -4.61 5.34 15.19
N LEU A 61 -3.70 4.50 15.68
CA LEU A 61 -3.85 3.97 17.03
C LEU A 61 -4.00 5.07 18.09
N LEU A 62 -3.22 6.14 18.05
CA LEU A 62 -3.29 7.24 19.02
C LEU A 62 -4.44 8.20 18.74
N GLY A 63 -5.12 8.05 17.61
CA GLY A 63 -6.30 8.82 17.27
C GLY A 63 -6.02 10.02 16.40
N TYR A 64 -4.74 10.32 16.16
CA TYR A 64 -4.37 11.47 15.35
C TYR A 64 -4.84 11.33 13.91
N GLY A 65 -4.74 10.15 13.30
CA GLY A 65 -5.03 10.11 11.86
C GLY A 65 -6.47 9.72 11.60
N LEU A 66 -7.37 10.14 12.47
CA LEU A 66 -8.80 9.85 12.36
C LEU A 66 -9.57 11.17 12.33
N THR A 67 -10.59 11.19 11.48
CA THR A 67 -11.48 12.33 11.35
C THR A 67 -12.92 11.84 11.14
N MET A 68 -13.90 12.67 11.46
CA MET A 68 -15.30 12.37 11.23
C MET A 68 -15.79 13.02 9.96
N VAL A 69 -16.39 12.25 9.06
CA VAL A 69 -16.97 12.85 7.86
C VAL A 69 -18.48 12.65 7.83
N PRO A 70 -19.20 13.76 7.75
CA PRO A 70 -20.66 13.69 7.63
C PRO A 70 -21.08 13.15 6.26
N PHE A 71 -21.94 12.13 6.26
CA PHE A 71 -22.59 11.76 5.00
C PHE A 71 -23.64 10.72 5.38
N GLY A 72 -24.70 10.63 4.58
CA GLY A 72 -25.83 9.79 4.99
C GLY A 72 -26.37 10.28 6.32
N GLY A 73 -26.26 11.59 6.55
CA GLY A 73 -26.73 12.15 7.80
C GLY A 73 -26.15 11.46 9.01
N GLU A 74 -24.92 10.97 8.91
CA GLU A 74 -24.23 10.35 10.05
C GLU A 74 -22.84 10.95 10.19
N GLN A 75 -22.18 10.71 11.32
CA GLN A 75 -20.78 11.14 11.48
C GLN A 75 -19.87 9.92 11.38
N ASN A 76 -19.28 9.74 10.20
CA ASN A 76 -18.49 8.58 9.84
C ASN A 76 -17.00 8.77 10.16
N PRO A 77 -16.48 7.89 11.00
CA PRO A 77 -15.07 7.86 11.35
C PRO A 77 -14.22 7.40 10.16
N ILE A 78 -13.41 8.35 9.70
CA ILE A 78 -12.59 8.09 8.52
C ILE A 78 -11.12 8.24 8.91
N TYR A 79 -10.40 7.11 8.85
CA TYR A 79 -8.95 7.06 9.01
C TYR A 79 -8.25 7.63 7.77
N TRP A 80 -7.96 8.93 7.77
CA TRP A 80 -7.31 9.60 6.64
C TRP A 80 -5.82 9.28 6.57
N ALA A 81 -5.26 8.90 7.71
CA ALA A 81 -3.83 8.60 7.77
C ALA A 81 -3.46 7.48 6.80
N ARG A 82 -4.36 6.59 6.42
CA ARG A 82 -4.01 5.55 5.45
C ARG A 82 -3.55 6.11 4.11
N TYR A 83 -4.17 7.21 3.64
CA TYR A 83 -3.81 7.81 2.36
C TYR A 83 -2.46 8.51 2.46
N ALA A 84 -2.17 9.09 3.62
CA ALA A 84 -0.84 9.68 3.81
C ALA A 84 0.25 8.64 3.68
N ASP A 85 -0.03 7.43 4.19
CA ASP A 85 0.89 6.30 4.11
C ASP A 85 1.00 5.86 2.65
N TRP A 86 -0.12 5.49 2.05
CA TRP A 86 -0.19 4.95 0.70
C TRP A 86 0.35 5.92 -0.32
N LEU A 87 0.17 7.22 -0.09
CA LEU A 87 0.69 8.21 -1.02
C LEU A 87 2.19 8.03 -1.27
N PHE A 88 2.91 7.65 -0.20
CA PHE A 88 4.33 7.43 -0.31
C PHE A 88 4.70 5.96 -0.51
N THR A 89 4.02 5.05 0.17
CA THR A 89 4.46 3.65 0.09
C THR A 89 4.03 2.92 -1.17
N THR A 90 2.90 3.25 -1.78
CA THR A 90 2.55 2.51 -3.01
C THR A 90 3.46 2.93 -4.16
N PRO A 91 3.86 4.17 -4.39
CA PRO A 91 4.82 4.36 -5.48
C PRO A 91 6.16 3.70 -5.17
N LEU A 92 6.54 3.67 -3.88
CA LEU A 92 7.81 3.00 -3.56
C LEU A 92 7.74 1.51 -3.88
N LEU A 93 6.60 0.89 -3.57
CA LEU A 93 6.45 -0.53 -3.91
C LEU A 93 6.51 -0.72 -5.42
N LEU A 94 5.91 0.16 -6.21
CA LEU A 94 5.99 0.10 -7.67
C LEU A 94 7.44 0.32 -8.12
N LEU A 95 8.16 1.22 -7.47
CA LEU A 95 9.59 1.38 -7.75
C LEU A 95 10.34 0.07 -7.56
N ASP A 96 10.01 -0.71 -6.52
CA ASP A 96 10.67 -2.00 -6.34
C ASP A 96 10.53 -2.83 -7.62
N LEU A 97 9.32 -2.89 -8.15
CA LEU A 97 9.05 -3.69 -9.34
C LEU A 97 9.78 -3.15 -10.56
N ALA A 98 9.77 -1.83 -10.73
CA ALA A 98 10.38 -1.20 -11.89
C ALA A 98 11.90 -1.35 -11.91
N LEU A 99 12.55 -1.25 -10.75
CA LEU A 99 14.01 -1.35 -10.66
C LEU A 99 14.45 -2.76 -11.09
N LEU A 100 13.71 -3.73 -10.60
CA LEU A 100 13.77 -5.14 -10.89
C LEU A 100 13.87 -5.41 -12.38
N VAL A 101 12.86 -4.95 -13.11
CA VAL A 101 12.83 -5.20 -14.55
C VAL A 101 13.54 -4.08 -15.32
N ASP A 102 14.24 -3.22 -14.58
CA ASP A 102 14.93 -2.07 -15.14
C ASP A 102 14.02 -1.29 -16.10
N ALA A 103 12.83 -0.94 -15.60
CA ALA A 103 11.87 -0.19 -16.41
C ALA A 103 12.45 1.14 -16.88
N ASP A 104 12.03 1.52 -18.08
CA ASP A 104 12.29 2.80 -18.70
C ASP A 104 11.79 3.92 -17.80
N GLN A 105 12.42 5.08 -17.84
CA GLN A 105 11.97 6.20 -17.02
C GLN A 105 10.52 6.57 -17.35
N GLY A 106 10.19 6.67 -18.63
CA GLY A 106 8.85 7.04 -19.08
C GLY A 106 7.79 6.23 -18.37
N THR A 107 8.01 4.92 -18.28
CA THR A 107 7.07 4.00 -17.68
C THR A 107 6.95 4.22 -16.17
N ILE A 108 8.07 4.47 -15.50
CA ILE A 108 8.09 4.70 -14.06
C ILE A 108 7.26 5.93 -13.72
N LEU A 109 7.50 7.00 -14.47
CA LEU A 109 6.74 8.24 -14.34
C LEU A 109 5.27 7.95 -14.55
N ALA A 110 4.94 7.08 -15.53
CA ALA A 110 3.52 6.81 -15.75
C ALA A 110 2.90 6.12 -14.54
N LEU A 111 3.62 5.14 -14.01
CA LEU A 111 3.14 4.37 -12.87
C LEU A 111 3.04 5.26 -11.63
N VAL A 112 4.09 6.04 -11.33
CA VAL A 112 4.05 6.87 -10.12
C VAL A 112 2.90 7.86 -10.22
N GLY A 113 2.71 8.45 -11.39
CA GLY A 113 1.66 9.41 -11.64
C GLY A 113 0.27 8.84 -11.54
N ALA A 114 0.02 7.69 -12.18
CA ALA A 114 -1.23 6.97 -12.03
C ALA A 114 -1.47 6.63 -10.57
N ASP A 115 -0.37 6.29 -9.87
CA ASP A 115 -0.50 5.87 -8.47
C ASP A 115 -0.87 7.07 -7.60
N GLY A 116 -0.28 8.23 -7.85
CA GLY A 116 -0.66 9.41 -7.08
C GLY A 116 -2.12 9.75 -7.32
N ILE A 117 -2.55 9.52 -8.57
CA ILE A 117 -3.96 9.84 -8.85
C ILE A 117 -4.85 8.86 -8.10
N MET A 118 -4.48 7.58 -8.12
CA MET A 118 -5.18 6.55 -7.38
C MET A 118 -5.36 6.92 -5.91
N ILE A 119 -4.28 7.25 -5.22
CA ILE A 119 -4.42 7.55 -3.79
C ILE A 119 -5.07 8.91 -3.57
N GLY A 120 -4.68 9.92 -4.33
CA GLY A 120 -5.32 11.22 -4.22
C GLY A 120 -6.82 11.21 -4.40
N THR A 121 -7.34 10.45 -5.38
CA THR A 121 -8.78 10.43 -5.61
C THR A 121 -9.46 9.56 -4.56
N GLY A 122 -8.75 8.54 -4.07
CA GLY A 122 -9.30 7.76 -2.97
C GLY A 122 -9.47 8.61 -1.73
N LEU A 123 -8.50 9.47 -1.46
CA LEU A 123 -8.60 10.39 -0.32
C LEU A 123 -9.77 11.36 -0.49
N VAL A 124 -9.88 11.94 -1.68
CA VAL A 124 -10.99 12.86 -1.92
C VAL A 124 -12.30 12.12 -1.72
N GLY A 125 -12.39 10.90 -2.28
CA GLY A 125 -13.64 10.17 -2.06
C GLY A 125 -13.84 9.90 -0.59
N ALA A 126 -12.75 9.63 0.15
CA ALA A 126 -12.91 9.27 1.56
C ALA A 126 -13.48 10.42 2.38
N LEU A 127 -13.21 11.66 1.96
CA LEU A 127 -13.53 12.89 2.66
C LEU A 127 -14.74 13.62 2.08
N THR A 128 -15.31 13.11 1.00
CA THR A 128 -16.44 13.74 0.32
C THR A 128 -17.75 13.60 1.09
N LYS A 129 -18.44 14.71 1.33
CA LYS A 129 -19.67 14.70 2.12
C LYS A 129 -20.92 14.35 1.32
N VAL A 130 -20.93 14.39 0.01
CA VAL A 130 -22.09 13.91 -0.76
C VAL A 130 -21.94 12.43 -1.07
N TYR A 131 -22.78 11.60 -0.45
CA TYR A 131 -22.65 10.15 -0.52
C TYR A 131 -22.46 9.60 -1.92
N SER A 132 -23.29 9.98 -2.88
CA SER A 132 -23.22 9.52 -4.24
C SER A 132 -21.85 9.81 -4.89
N TYR A 133 -21.36 11.02 -4.69
CA TYR A 133 -20.07 11.39 -5.27
C TYR A 133 -18.90 10.55 -4.75
N ARG A 134 -18.97 10.03 -3.53
CA ARG A 134 -17.88 9.21 -3.00
C ARG A 134 -17.53 8.07 -3.96
N PHE A 135 -18.57 7.50 -4.57
CA PHE A 135 -18.38 6.36 -5.46
C PHE A 135 -17.86 6.81 -6.82
N VAL A 136 -18.12 8.06 -7.18
CA VAL A 136 -17.50 8.55 -8.42
C VAL A 136 -15.99 8.58 -8.26
N TRP A 137 -15.52 9.07 -7.10
CA TRP A 137 -14.08 9.09 -6.86
C TRP A 137 -13.51 7.68 -6.76
N TRP A 138 -14.21 6.77 -6.11
CA TRP A 138 -13.84 5.35 -6.04
C TRP A 138 -13.63 4.78 -7.44
N ALA A 139 -14.52 5.09 -8.38
CA ALA A 139 -14.44 4.61 -9.76
C ALA A 139 -13.22 5.16 -10.50
N ILE A 140 -12.97 6.47 -10.34
CA ILE A 140 -11.79 7.03 -11.00
C ILE A 140 -10.52 6.44 -10.40
N SER A 141 -10.47 6.34 -9.07
CA SER A 141 -9.32 5.72 -8.41
C SER A 141 -9.10 4.29 -8.90
N THR A 142 -10.19 3.55 -9.00
CA THR A 142 -10.15 2.15 -9.48
C THR A 142 -9.64 2.11 -10.91
N ALA A 143 -10.07 3.03 -11.77
CA ALA A 143 -9.54 3.05 -13.12
C ALA A 143 -8.03 3.26 -13.09
N ALA A 144 -7.53 4.14 -12.22
CA ALA A 144 -6.09 4.35 -12.11
C ALA A 144 -5.40 3.06 -11.69
N MET A 145 -6.03 2.32 -10.78
CA MET A 145 -5.41 1.06 -10.34
C MET A 145 -5.33 0.11 -11.53
N LEU A 146 -6.39 0.12 -12.34
CA LEU A 146 -6.45 -0.88 -13.40
C LEU A 146 -5.36 -0.57 -14.42
N TYR A 147 -5.20 0.73 -14.70
CA TYR A 147 -4.08 1.17 -15.49
C TYR A 147 -2.77 0.59 -14.96
N ILE A 148 -2.54 0.73 -13.65
CA ILE A 148 -1.28 0.27 -13.07
C ILE A 148 -1.15 -1.25 -13.25
N LEU A 149 -2.22 -1.97 -12.95
CA LEU A 149 -2.08 -3.42 -13.00
C LEU A 149 -1.86 -3.85 -14.44
N TYR A 150 -2.41 -3.07 -15.36
CA TYR A 150 -2.22 -3.36 -16.79
C TYR A 150 -0.76 -3.24 -17.17
N VAL A 151 -0.18 -2.07 -16.88
CA VAL A 151 1.22 -1.85 -17.19
C VAL A 151 2.11 -2.85 -16.50
N LEU A 152 1.85 -3.18 -15.24
CA LEU A 152 2.70 -4.20 -14.60
C LEU A 152 2.55 -5.53 -15.35
N PHE A 153 1.43 -5.79 -15.99
CA PHE A 153 1.15 -7.04 -16.68
C PHE A 153 1.46 -7.05 -18.17
N PHE A 154 1.27 -5.95 -18.89
CA PHE A 154 1.49 -6.00 -20.34
C PHE A 154 2.51 -4.99 -20.82
N GLY A 155 3.35 -4.48 -19.93
CA GLY A 155 4.32 -3.49 -20.37
C GLY A 155 5.75 -3.97 -20.15
N PHE A 156 5.87 -5.15 -19.55
CA PHE A 156 7.12 -5.74 -19.14
C PHE A 156 7.46 -7.03 -19.88
N SER A 162 15.23 -10.04 -22.56
CA SER A 162 16.37 -10.85 -22.13
C SER A 162 16.93 -10.40 -20.79
N MET A 163 16.07 -10.38 -19.78
CA MET A 163 16.50 -10.17 -18.40
C MET A 163 16.94 -11.51 -17.83
N ARG A 164 17.90 -11.49 -16.90
CA ARG A 164 18.34 -12.72 -16.25
C ARG A 164 17.11 -13.46 -15.74
N PRO A 165 17.10 -14.78 -15.86
CA PRO A 165 15.95 -15.56 -15.40
C PRO A 165 15.64 -15.33 -13.92
N GLU A 166 16.60 -14.84 -13.13
CA GLU A 166 16.42 -14.53 -11.72
C GLU A 166 15.44 -13.37 -11.54
N VAL A 167 15.64 -12.38 -12.41
CA VAL A 167 14.73 -11.24 -12.43
C VAL A 167 13.31 -11.67 -12.76
N ALA A 168 13.17 -12.28 -13.93
CA ALA A 168 11.86 -12.69 -14.42
C ALA A 168 11.09 -13.53 -13.42
N SER A 169 11.76 -14.48 -12.78
CA SER A 169 11.14 -15.38 -11.82
C SER A 169 10.61 -14.68 -10.57
N THR A 170 11.42 -13.75 -10.05
CA THR A 170 10.98 -13.02 -8.86
C THR A 170 9.93 -11.98 -9.25
N PHE A 171 10.12 -11.38 -10.42
CA PHE A 171 9.17 -10.36 -10.84
C PHE A 171 7.77 -10.97 -10.94
N LYS A 172 7.72 -12.14 -11.58
CA LYS A 172 6.43 -12.78 -11.80
C LYS A 172 5.71 -13.05 -10.49
N VAL A 173 6.43 -13.57 -9.52
CA VAL A 173 5.88 -13.78 -8.17
C VAL A 173 5.38 -12.46 -7.57
N LEU A 174 6.28 -11.48 -7.49
CA LEU A 174 5.90 -10.21 -6.88
C LEU A 174 4.76 -9.57 -7.65
N ARG A 175 4.82 -9.66 -8.98
CA ARG A 175 3.70 -9.14 -9.76
C ARG A 175 2.36 -9.80 -9.42
N ASN A 176 2.32 -11.12 -9.23
CA ASN A 176 1.08 -11.81 -8.88
C ASN A 176 0.64 -11.46 -7.46
N VAL A 177 1.60 -11.28 -6.56
CA VAL A 177 1.28 -10.85 -5.19
C VAL A 177 0.58 -9.50 -5.21
N THR A 178 1.14 -8.61 -6.02
CA THR A 178 0.64 -7.23 -6.12
C THR A 178 -0.79 -7.20 -6.63
N VAL A 179 -0.99 -7.89 -7.76
CA VAL A 179 -2.33 -7.88 -8.35
C VAL A 179 -3.40 -8.40 -7.40
N VAL A 180 -3.11 -9.50 -6.73
CA VAL A 180 -4.04 -10.09 -5.78
C VAL A 180 -4.25 -9.17 -4.60
N LEU A 181 -3.17 -8.70 -3.96
CA LEU A 181 -3.39 -7.90 -2.76
C LEU A 181 -3.95 -6.51 -3.06
N TRP A 182 -3.35 -5.80 -4.03
CA TRP A 182 -3.82 -4.45 -4.32
C TRP A 182 -5.27 -4.43 -4.79
N SER A 183 -5.69 -5.43 -5.56
CA SER A 183 -7.09 -5.53 -6.00
C SER A 183 -8.11 -5.63 -4.88
N ALA A 184 -7.73 -6.12 -3.70
CA ALA A 184 -8.66 -6.24 -2.59
C ALA A 184 -8.95 -4.89 -1.94
N TYR A 185 -8.04 -3.92 -2.05
CA TYR A 185 -8.27 -2.64 -1.38
C TYR A 185 -9.53 -1.92 -1.83
N PRO A 186 -9.77 -1.74 -3.13
CA PRO A 186 -11.02 -1.07 -3.55
C PRO A 186 -12.26 -1.84 -3.12
N VAL A 187 -12.14 -3.17 -3.03
CA VAL A 187 -13.30 -3.92 -2.52
C VAL A 187 -13.54 -3.65 -1.05
N VAL A 188 -12.47 -3.63 -0.25
CA VAL A 188 -12.65 -3.38 1.18
C VAL A 188 -13.24 -2.00 1.39
N TRP A 189 -12.68 -1.02 0.68
CA TRP A 189 -13.18 0.34 0.82
C TRP A 189 -14.66 0.42 0.42
N LEU A 190 -15.01 -0.25 -0.67
CA LEU A 190 -16.38 -0.20 -1.18
C LEU A 190 -17.38 -0.76 -0.18
N ILE A 191 -17.05 -1.85 0.49
CA ILE A 191 -17.96 -2.52 1.41
C ILE A 191 -17.85 -2.01 2.84
N GLY A 192 -16.76 -1.29 3.14
CA GLY A 192 -16.46 -0.83 4.48
C GLY A 192 -17.00 0.55 4.81
N SER A 193 -16.56 1.10 5.92
CA SER A 193 -17.20 2.33 6.37
C SER A 193 -17.04 3.52 5.42
N GLU A 194 -16.10 3.50 4.48
CA GLU A 194 -15.88 4.63 3.57
C GLU A 194 -16.87 4.58 2.40
N GLY A 195 -17.42 3.39 2.20
CA GLY A 195 -18.27 3.15 1.03
C GLY A 195 -19.66 2.80 1.52
N ALA A 196 -20.10 1.58 1.22
CA ALA A 196 -21.48 1.17 1.48
C ALA A 196 -21.72 0.85 2.94
N GLY A 197 -20.66 0.67 3.72
CA GLY A 197 -20.85 0.41 5.13
C GLY A 197 -21.55 -0.90 5.43
N ILE A 198 -21.33 -1.92 4.62
CA ILE A 198 -21.87 -3.26 4.84
C ILE A 198 -21.04 -4.04 5.85
N VAL A 199 -19.78 -3.65 5.97
CA VAL A 199 -18.83 -4.26 6.89
C VAL A 199 -18.44 -3.24 7.94
N PRO A 200 -18.50 -3.57 9.22
CA PRO A 200 -18.22 -2.57 10.26
C PRO A 200 -16.74 -2.20 10.27
N LEU A 201 -16.44 -1.06 10.88
CA LEU A 201 -15.08 -0.52 10.86
C LEU A 201 -14.05 -1.43 11.51
N ASN A 202 -14.41 -2.20 12.55
CA ASN A 202 -13.36 -3.02 13.16
C ASN A 202 -12.95 -4.16 12.23
N ILE A 203 -13.90 -4.71 11.46
CA ILE A 203 -13.52 -5.79 10.56
C ILE A 203 -12.78 -5.20 9.37
N GLU A 204 -13.24 -4.02 8.95
CA GLU A 204 -12.51 -3.36 7.86
C GLU A 204 -11.07 -3.05 8.24
N THR A 205 -10.84 -2.57 9.47
CA THR A 205 -9.48 -2.23 9.88
C THR A 205 -8.64 -3.49 9.92
N LEU A 206 -9.25 -4.58 10.40
CA LEU A 206 -8.59 -5.88 10.36
C LEU A 206 -8.20 -6.29 8.95
N LEU A 207 -9.12 -6.06 7.99
CA LEU A 207 -8.81 -6.46 6.61
C LEU A 207 -7.62 -5.69 6.07
N PHE A 208 -7.67 -4.36 6.28
CA PHE A 208 -6.59 -3.52 5.80
C PHE A 208 -5.26 -3.85 6.50
N MET A 209 -5.32 -4.26 7.77
CA MET A 209 -4.10 -4.62 8.48
C MET A 209 -3.42 -5.86 7.90
N VAL A 210 -4.23 -6.89 7.63
CA VAL A 210 -3.72 -8.08 6.94
C VAL A 210 -3.20 -7.71 5.55
N LEU A 211 -3.94 -6.91 4.79
CA LEU A 211 -3.45 -6.55 3.45
C LEU A 211 -2.14 -5.79 3.52
N ASP A 212 -2.08 -4.78 4.39
CA ASP A 212 -0.91 -3.92 4.50
C ASP A 212 0.35 -4.67 4.92
N VAL A 213 0.25 -5.47 5.98
CA VAL A 213 1.43 -6.23 6.40
C VAL A 213 1.90 -7.17 5.30
N SER A 214 0.97 -7.83 4.61
CA SER A 214 1.31 -8.72 3.50
C SER A 214 1.94 -7.93 2.36
N ALA A 215 1.36 -6.77 2.05
CA ALA A 215 1.84 -6.01 0.90
C ALA A 215 3.17 -5.33 1.15
N LYS A 216 3.52 -5.16 2.44
CA LYS A 216 4.72 -4.43 2.79
C LYS A 216 5.78 -5.38 3.34
N VAL A 217 5.41 -6.07 4.43
CA VAL A 217 6.37 -6.98 5.04
C VAL A 217 6.43 -8.29 4.27
N GLY A 218 5.29 -8.90 3.96
CA GLY A 218 5.36 -10.13 3.16
C GLY A 218 6.08 -9.92 1.84
N PHE A 219 5.66 -8.92 1.08
CA PHE A 219 6.29 -8.52 -0.17
C PHE A 219 7.78 -8.28 0.00
N GLY A 220 8.17 -7.59 1.08
CA GLY A 220 9.61 -7.29 1.24
C GLY A 220 10.41 -8.54 1.55
N LEU A 221 9.82 -9.42 2.35
CA LEU A 221 10.53 -10.66 2.66
C LEU A 221 10.78 -11.44 1.38
N ILE A 222 9.76 -11.55 0.52
CA ILE A 222 9.96 -12.20 -0.78
C ILE A 222 11.02 -11.53 -1.64
N LEU A 223 10.95 -10.21 -1.72
CA LEU A 223 11.92 -9.48 -2.53
C LEU A 223 13.34 -9.69 -2.01
N LEU A 224 13.53 -9.62 -0.70
CA LEU A 224 14.90 -9.64 -0.19
C LEU A 224 15.46 -11.05 -0.13
N ARG A 225 14.64 -12.09 -0.29
CA ARG A 225 15.15 -13.45 -0.33
C ARG A 225 15.71 -13.80 -1.71
N SER A 226 15.44 -12.99 -2.73
CA SER A 226 15.88 -13.33 -4.07
C SER A 226 17.24 -12.74 -4.41
N ARG A 227 17.95 -13.39 -5.34
CA ARG A 227 19.25 -12.84 -5.73
C ARG A 227 19.07 -11.83 -6.86
N ALA A 228 17.84 -11.66 -7.35
CA ALA A 228 17.65 -10.73 -8.47
C ALA A 228 18.03 -9.30 -8.09
N ILE A 229 18.06 -9.01 -6.79
CA ILE A 229 18.36 -7.68 -6.29
C ILE A 229 19.84 -7.36 -6.28
N PHE A 230 20.71 -8.35 -6.50
CA PHE A 230 22.14 -8.05 -6.48
C PHE A 230 22.63 -7.90 -7.92
N GLY A 231 23.59 -7.01 -8.14
CA GLY A 231 24.14 -6.82 -9.48
C GLY A 231 24.91 -8.05 -9.91
C1 RET B . -8.61 2.96 -2.59
C2 RET B . -10.02 3.51 -2.71
C3 RET B . -10.55 3.77 -4.07
C4 RET B . -10.30 2.62 -5.00
C5 RET B . -8.83 2.22 -4.99
C6 RET B . -8.12 2.24 -3.86
C7 RET B . -6.84 1.50 -3.88
C8 RET B . -5.91 1.36 -2.93
C9 RET B . -4.71 0.52 -3.00
C10 RET B . -3.95 0.50 -1.89
C11 RET B . -2.73 -0.28 -1.69
C12 RET B . -2.11 -0.17 -0.48
C13 RET B . -0.80 -0.82 -0.20
C14 RET B . -0.38 -0.64 1.06
C15 RET B . 0.99 -0.43 1.49
C16 RET B . -7.73 4.21 -2.29
C17 RET B . -8.68 2.04 -1.33
C18 RET B . -8.52 1.48 -6.26
C19 RET B . -4.40 -0.25 -4.25
C20 RET B . -0.11 -1.70 -1.21
C1 LI1 C . -23.68 14.43 -14.71
C2 LI1 C . -24.63 14.16 -15.88
C3 LI1 C . -25.85 13.34 -15.40
O1 LI1 C . -24.33 15.29 -13.74
O2 LI1 C . -23.90 13.36 -16.86
O3 LI1 C . -26.87 13.53 -16.54
C41 LI1 C . -22.81 12.60 -16.27
C42 LI1 C . -21.63 12.44 -17.25
C43 LI1 C . -21.50 10.95 -17.65
C45 LI1 C . -20.33 10.78 -18.65
C46 LI1 C . -19.73 9.37 -18.41
C47 LI1 C . -18.20 9.48 -18.26
C48 LI1 C . -17.53 8.41 -19.14
C50 LI1 C . -18.16 7.04 -18.82
C11 LI1 C . -24.75 14.57 -12.54
C12 LI1 C . -24.47 15.32 -11.24
C13 LI1 C . -23.07 14.97 -10.70
C15 LI1 C . -22.10 15.11 -11.89
C16 LI1 C . -21.30 13.80 -12.08
C17 LI1 C . -20.68 13.78 -13.50
C18 LI1 C . -19.21 13.37 -13.35
C19 LI1 C . -19.07 12.74 -11.96
C20 LI1 C . -18.79 12.34 -14.43
C21 LI1 C . -17.40 12.72 -14.93
C22 LI1 C . -16.63 11.47 -15.37
C23 LI1 C . -16.81 10.34 -14.34
C25 LI1 C . -15.54 9.49 -14.21
C26 LI1 C . -16.08 7.93 -13.70
C27 LI1 C . -14.76 7.13 -13.64
C28 LI1 C . -14.07 6.92 -14.97
C29 LI1 C . -12.67 6.31 -14.77
C30 LI1 C . -14.88 5.98 -15.89
C1 LI1 D . -28.32 6.17 -0.10
C2 LI1 D . -29.70 5.73 -0.64
C3 LI1 D . -30.79 6.32 0.27
O1 LI1 D . -28.25 5.71 1.28
O2 LI1 D . -29.85 6.22 -2.00
O3 LI1 D . -30.94 7.77 -0.26
C41 LI1 D . -29.38 5.29 -3.01
C42 LI1 D . -27.87 5.53 -3.30
C43 LI1 D . -27.49 4.61 -4.49
C44 LI1 D . -28.21 3.26 -4.28
C45 LI1 D . -25.97 4.43 -4.54
C46 LI1 D . -25.36 5.24 -5.69
C47 LI1 D . -24.08 4.59 -6.24
C48 LI1 D . -23.42 5.53 -7.25
C49 LI1 D . -24.93 5.91 -7.23
C50 LI1 D . -22.08 4.98 -7.78
C51 LI1 D . -21.33 6.20 -8.38
C52 LI1 D . -21.69 6.29 -9.86
C53 LI1 D . -20.69 7.14 -10.65
C55 LI1 D . -19.33 6.45 -10.78
C56 LI1 D . -19.31 5.52 -12.02
C57 LI1 D . -18.67 4.19 -11.63
C58 LI1 D . -19.73 3.19 -11.13
C59 LI1 D . -20.05 3.44 -9.63
C60 LI1 D . -19.13 1.78 -11.26
C11 LI1 D . -27.13 4.85 1.58
C12 LI1 D . -27.28 3.43 0.98
C13 LI1 D . -25.90 2.74 0.91
C14 LI1 D . -25.85 1.56 1.89
C15 LI1 D . -25.75 2.23 -0.53
C16 LI1 D . -24.28 2.18 -0.95
C17 LI1 D . -24.15 2.59 -2.43
C18 LI1 D . -23.38 1.52 -3.22
C20 LI1 D . -22.76 2.12 -4.49
C21 LI1 D . -21.95 1.01 -5.15
C22 LI1 D . -21.25 1.43 -6.46
C23 LI1 D . -20.28 0.31 -6.80
C24 LI1 D . -20.94 -0.78 -7.64
C25 LI1 D . -19.61 0.40 -8.16
C26 LI1 D . -19.10 -1.24 -8.44
C27 LI1 D . -18.53 -1.14 -9.86
C11 LI1 E . -28.31 -2.25 0.10
C12 LI1 E . -27.31 -3.09 -0.73
C13 LI1 E . -26.20 -2.11 -1.23
C14 LI1 E . -26.07 -1.02 -0.17
C15 LI1 E . -24.90 -2.89 -1.40
C16 LI1 E . -24.18 -2.52 -2.70
C17 LI1 E . -22.88 -3.36 -2.83
C18 LI1 E . -22.29 -3.27 -4.24
C20 LI1 E . -21.58 -4.58 -4.61
C21 LI1 E . -20.79 -4.39 -5.92
C22 LI1 E . -19.28 -4.51 -5.67
C23 LI1 E . -18.52 -4.83 -6.98
C25 LI1 E . -17.16 -4.12 -7.04
C26 LI1 E . -16.00 -5.40 -7.22
C27 LI1 E . -14.98 -4.75 -8.14
C28 LI1 E . -13.54 -4.77 -7.59
C29 LI1 E . -12.58 -3.99 -8.49
C30 LI1 E . -13.04 -6.23 -7.49
C11 LI1 F . -26.20 -7.77 6.51
C12 LI1 F . -25.24 -7.41 5.35
C13 LI1 F . -23.91 -8.20 5.48
C15 LI1 F . -23.45 -8.56 4.05
C16 LI1 F . -21.94 -8.89 4.09
C17 LI1 F . -21.37 -8.95 2.66
C18 LI1 F . -19.92 -9.46 2.69
C20 LI1 F . -19.61 -10.29 1.44
C21 LI1 F . -19.78 -11.78 1.79
C22 LI1 F . -19.14 -12.65 0.69
C23 LI1 F . -17.91 -11.92 0.10
C25 LI1 F . -16.62 -12.68 0.36
C26 LI1 F . -15.36 -11.60 -0.14
C27 LI1 F . -14.52 -12.50 -1.06
C28 LI1 F . -13.09 -12.74 -0.51
C29 LI1 F . -12.44 -13.93 -1.21
C13 LI1 G . 2.75 -7.81 28.24
C15 LI1 G . 3.89 -7.51 27.26
C16 LI1 G . 5.18 -8.24 27.63
C17 LI1 G . 6.39 -7.60 26.91
C18 LI1 G . 7.07 -8.64 26.00
C20 LI1 G . 7.22 -8.11 24.58
C21 LI1 G . 8.62 -8.46 24.06
C22 LI1 G . 8.67 -9.91 23.55
C13 LI1 H . 0.26 -1.26 22.21
C15 LI1 H . 1.34 -0.52 21.42
C16 LI1 H . 1.49 -1.09 20.01
C17 LI1 H . 2.99 -1.04 19.61
C18 LI1 H . 3.59 -2.42 19.93
C20 LI1 H . 5.11 -2.43 19.73
C21 LI1 H . 5.63 -3.65 20.52
C22 LI1 H . 6.56 -4.50 19.65
C1 LI1 I . -5.05 20.22 11.62
C2 LI1 I . -3.99 19.15 11.32
C3 LI1 I . -3.77 18.26 12.56
O1 LI1 I . -4.46 21.20 12.52
O2 LI1 I . -4.38 18.35 10.18
O3 LI1 I . -5.10 17.48 12.74
C41 LI1 I . -3.46 18.38 9.07
C42 LI1 I . -2.86 16.99 8.80
C43 LI1 I . -1.37 17.15 8.39
C44 LI1 I . -1.25 17.18 6.85
C45 LI1 I . -0.57 15.94 8.92
C46 LI1 I . 0.29 15.40 7.76
C47 LI1 I . 0.56 13.91 7.99
C48 LI1 I . 1.97 13.57 7.49
C50 LI1 I . 2.45 12.28 8.19
C51 LI1 I . 3.38 11.51 7.21
C52 LI1 I . 4.43 10.74 8.04
C53 LI1 I . 5.17 9.78 7.07
C55 LI1 I . 6.37 10.54 6.46
C56 LI1 I . 6.41 10.27 4.95
C57 LI1 I . 7.86 10.20 4.46
C58 LI1 I . 7.89 10.41 2.94
C60 LI1 I . 9.14 9.72 2.35
C11 LI1 I . -4.15 22.47 11.88
C12 LI1 I . -3.49 22.30 10.49
C13 LI1 I . -2.04 22.84 10.52
C15 LI1 I . -1.58 22.99 9.06
C16 LI1 I . -0.57 21.88 8.69
C17 LI1 I . 0.16 22.29 7.39
C18 LI1 I . 1.32 21.33 7.06
C20 LI1 I . 1.50 21.21 5.55
C21 LI1 I . 2.99 21.10 5.20
C22 LI1 I . 3.22 20.29 3.93
C23 LI1 I . 3.49 21.20 2.71
C25 LI1 I . 2.76 20.69 1.46
C26 LI1 I . 3.23 21.84 0.22
C27 LI1 I . 1.84 22.29 -0.28
C28 LI1 I . 1.94 23.40 -1.34
C11 LI1 J . -8.05 -2.00 -26.49
C12 LI1 J . -7.86 -2.14 -24.98
C13 LI1 J . -9.22 -2.21 -24.26
C15 LI1 J . -9.20 -1.29 -23.03
C16 LI1 J . -9.98 0.01 -23.31
C17 LI1 J . -9.67 1.09 -22.25
C18 LI1 J . -10.32 2.44 -22.59
C19 LI1 J . -9.33 3.34 -23.35
C20 LI1 J . -10.79 3.15 -21.31
C21 LI1 J . -11.42 2.09 -20.38
C22 LI1 J . -12.28 2.76 -19.29
C23 LI1 J . -11.86 2.23 -17.91
C25 LI1 J . -12.62 0.96 -17.55
C26 LI1 J . -12.85 1.08 -15.83
C27 LI1 J . -13.62 2.40 -15.72
C28 LI1 J . -14.17 2.59 -14.32
C29 LI1 J . -14.10 1.28 -13.54
C30 LI1 J . -15.66 3.01 -14.40
C11 LI1 K . -2.36 -14.42 -22.17
C12 LI1 K . -2.76 -13.10 -21.47
C13 LI1 K . -3.70 -13.34 -20.29
C15 LI1 K . -4.19 -11.98 -19.75
C16 LI1 K . -5.37 -12.17 -18.81
C17 LI1 K . -6.60 -11.38 -19.30
C18 LI1 K . -7.71 -11.40 -18.22
C20 LI1 K . -8.19 -9.97 -17.95
C21 LI1 K . -9.43 -10.02 -17.04
C22 LI1 K . -10.51 -9.04 -17.51
C23 LI1 K . -10.87 -8.04 -16.39
C25 LI1 K . -10.99 -6.62 -16.95
C26 LI1 K . -11.69 -5.75 -15.60
C27 LI1 K . -13.19 -5.93 -15.90
C28 LI1 K . -13.99 -4.71 -15.48
C30 LI1 K . -14.87 -5.07 -14.26
C1 LI1 L . 1.93 -14.78 -14.73
C2 LI1 L . 1.85 -16.31 -14.64
C3 LI1 L . 3.01 -16.93 -15.44
O1 LI1 L . 1.20 -14.37 -15.93
O2 LI1 L . 1.93 -16.71 -13.25
O3 LI1 L . 3.37 -15.87 -16.48
C41 LI1 L . 0.65 -16.69 -12.57
C42 LI1 L . 0.63 -17.45 -11.22
C43 LI1 L . -0.28 -16.67 -10.26
C45 LI1 L . -1.14 -17.63 -9.42
C46 LI1 L . -2.54 -17.02 -9.30
C47 LI1 L . -2.59 -16.02 -8.13
C48 LI1 L . -3.89 -15.19 -8.27
C50 LI1 L . -4.84 -15.45 -7.09
C51 LI1 L . -4.28 -16.59 -6.22
C52 LI1 L . -5.39 -17.21 -5.35
C53 LI1 L . -4.82 -17.45 -3.92
C55 LI1 L . -5.98 -17.37 -2.91
C56 LI1 L . -7.12 -16.50 -3.49
C57 LI1 L . -7.32 -15.26 -2.60
C58 LI1 L . -6.99 -13.99 -3.42
C59 LI1 L . -6.84 -14.38 -4.90
C60 LI1 L . -8.15 -13.00 -3.27
C11 LI1 L . -0.23 -14.26 -15.70
C12 LI1 L . -0.59 -14.14 -14.21
C13 LI1 L . -2.11 -13.91 -14.03
C15 LI1 L . -2.43 -13.93 -12.52
C16 LI1 L . -3.47 -12.86 -12.15
C17 LI1 L . -3.78 -12.92 -10.64
C18 LI1 L . -5.31 -12.93 -10.40
C20 LI1 L . -5.78 -11.62 -9.74
C21 LI1 L . -6.76 -11.95 -8.62
C22 LI1 L . -7.71 -10.76 -8.35
C23 LI1 L . -7.34 -10.06 -7.03
C25 LI1 L . -8.20 -10.46 -5.84
C26 LI1 L . -9.75 -9.74 -6.14
C27 LI1 L . -10.06 -9.11 -4.77
C28 LI1 L . -10.96 -9.99 -3.89
C29 LI1 L . -12.26 -9.24 -3.53
C30 LI1 L . -10.20 -10.33 -2.59
C11 LI1 M . 18.92 -10.47 10.87
C12 LI1 M . 17.53 -9.97 11.34
C13 LI1 M . 17.42 -10.08 12.87
C14 LI1 M . 17.82 -11.49 13.32
C15 LI1 M . 15.96 -9.78 13.27
C16 LI1 M . 15.93 -8.61 14.25
C17 LI1 M . 14.49 -8.04 14.35
C18 LI1 M . 14.49 -6.72 15.12
C19 LI1 M . 15.72 -5.88 14.72
C20 LI1 M . 14.52 -6.98 16.64
C21 LI1 M . 14.44 -5.62 17.35
C22 LI1 M . 14.18 -5.81 18.86
C23 LI1 M . 12.72 -5.40 19.18
C24 LI1 M . 12.62 -4.99 20.67
C25 LI1 M . 11.76 -5.84 18.06
C26 LI1 M . 10.22 -5.24 18.60
C27 LI1 M . 9.53 -6.58 18.92
C11 LI1 N . 19.34 0.81 2.84
C12 LI1 N . 18.98 1.72 4.03
C13 LI1 N . 17.63 1.33 4.66
C14 LI1 N . 17.86 0.55 5.96
C15 LI1 N . 16.87 2.64 4.92
C16 LI1 N . 16.32 2.73 6.34
C17 LI1 N . 15.27 3.88 6.38
C18 LI1 N . 15.46 4.77 7.62
C20 LI1 N . 14.12 5.09 8.29
C21 LI1 N . 14.39 5.33 9.79
C22 LI1 N . 13.12 5.19 10.63
C23 LI1 N . 13.38 5.44 12.12
C25 LI1 N . 12.08 5.40 12.95
C26 LI1 N . 11.28 3.93 12.46
C27 LI1 N . 10.84 3.37 13.82
C28 LI1 N . 10.53 1.88 13.79
C29 LI1 N . 10.29 1.33 15.21
C30 LI1 N . 11.75 1.13 13.21
C11 LI1 O . 10.92 7.85 -10.21
C12 LI1 O . 10.83 8.52 -8.82
C13 LI1 O . 9.60 7.99 -8.06
C15 LI1 O . 9.91 7.95 -6.56
C16 LI1 O . 8.61 7.73 -5.76
C17 LI1 O . 8.84 8.07 -4.27
C18 LI1 O . 7.54 8.59 -3.63
C19 LI1 O . 7.88 9.49 -2.43
C20 LI1 O . 6.69 9.35 -4.65
C21 LI1 O . 5.56 10.07 -3.89
C22 LI1 O . 5.04 11.26 -4.72
C23 LI1 O . 3.64 11.66 -4.26
C24 LI1 O . 3.69 13.00 -3.53
C1 SQU P . 3.64 -12.91 12.02
C2 SQU P . 2.38 -12.64 12.84
C3 SQU P . 2.60 -11.83 14.10
C4 SQU P . 1.23 -13.31 12.67
C5 SQU P . 0.14 -13.14 11.63
C6 SQU P . -0.73 -11.87 11.71
C7 SQU P . -1.33 -11.38 10.38
C9 SQU P . -0.65 -10.92 9.32
C10 SQU P . -0.54 -11.48 7.90
C11 SQU P . 0.90 -11.69 7.38
C12 SQU P . 1.04 -12.60 6.15
C13 SQU P . -0.20 -12.82 5.30
C14 SQU P . 2.21 -12.76 5.48
C15 SQU P . 3.55 -12.11 5.70
C16 SQU P . 4.33 -12.46 6.96
C17 SQU P . 4.46 -11.30 7.95
C18 SQU P . 4.71 -11.41 9.28
C20 SQU P . 6.02 -11.04 9.98
C21 SQU P . 5.95 -9.62 10.57
C22 SQU P . 7.27 -9.14 11.17
C23 SQU P . 8.42 -9.77 11.32
C25 SQU P . 9.59 -9.91 10.35
C26 SQU P . 10.27 -11.30 10.36
C27 SQU P . 10.29 -12.05 9.03
C28 SQU P . 11.04 -13.16 8.79
C29 SQU P . 10.40 -14.30 8.00
C30 SQU P . 12.04 -13.64 9.85
#